data_8SJI
#
_entry.id   8SJI
#
_cell.length_a   95.060
_cell.length_b   77.430
_cell.length_c   47.440
_cell.angle_alpha   90.000
_cell.angle_beta   106.584
_cell.angle_gamma   90.000
#
_symmetry.space_group_name_H-M   'C 1 2 1'
#
loop_
_entity.id
_entity.type
_entity.pdbx_description
1 polymer 'Topoisomerase 1'
2 non-polymer 'CALCIUM ION'
3 non-polymer 'CHLORIDE ION'
4 water water
#
_entity_poly.entity_id   1
_entity_poly.type   'polypeptide(L)'
_entity_poly.pdbx_seq_one_letter_code
;QDWEDAMETLNDNLKVIEKADNADQVIAALLYMLAAAIAAATATPPKLEDKSPTSEEALAFRLGMHELAALITKATALAY
QGLVKEAQAAAEQLKTTVNAHWQKYRSAENLYFQ
;
_entity_poly.pdbx_strand_id   A,B,C
#
# COMPACT_ATOMS: atom_id res chain seq x y z
N GLN A 1 -8.10 13.50 6.35
CA GLN A 1 -8.81 13.06 7.55
C GLN A 1 -7.82 12.80 8.71
N ASP A 2 -8.16 13.26 9.91
CA ASP A 2 -7.35 12.92 11.08
C ASP A 2 -7.50 11.44 11.43
N TRP A 3 -6.76 11.01 12.45
CA TRP A 3 -6.72 9.58 12.77
C TRP A 3 -8.09 9.06 13.20
N GLU A 4 -8.81 9.81 14.03
CA GLU A 4 -10.11 9.35 14.49
C GLU A 4 -11.07 9.23 13.33
N ASP A 5 -10.97 10.11 12.32
CA ASP A 5 -11.84 9.99 11.15
C ASP A 5 -11.60 8.69 10.41
N ALA A 6 -10.33 8.33 10.23
CA ALA A 6 -9.97 7.06 9.58
C ALA A 6 -10.50 5.88 10.37
N MET A 7 -10.38 5.92 11.70
CA MET A 7 -10.91 4.82 12.50
C MET A 7 -12.42 4.72 12.35
N GLU A 8 -13.11 5.86 12.28
CA GLU A 8 -14.55 5.82 12.05
C GLU A 8 -14.88 5.16 10.71
N THR A 9 -14.14 5.48 9.67
CA THR A 9 -14.35 4.85 8.38
C THR A 9 -14.15 3.33 8.46
N LEU A 10 -13.17 2.87 9.25
CA LEU A 10 -12.97 1.44 9.43
C LEU A 10 -14.19 0.82 10.09
N ASN A 11 -14.71 1.48 11.14
CA ASN A 11 -15.87 1.00 11.86
C ASN A 11 -17.09 0.96 10.94
N ASP A 12 -17.29 2.04 10.17
CA ASP A 12 -18.49 2.11 9.34
C ASP A 12 -18.45 1.04 8.25
N ASN A 13 -17.27 0.79 7.67
CA ASN A 13 -17.19 -0.21 6.61
C ASN A 13 -17.21 -1.63 7.11
N LEU A 14 -16.75 -1.89 8.34
CA LEU A 14 -16.98 -3.21 8.90
C LEU A 14 -18.46 -3.51 9.02
N LYS A 15 -19.26 -2.51 9.40
CA LYS A 15 -20.69 -2.76 9.51
CA LYS A 15 -20.69 -2.76 9.51
C LYS A 15 -21.31 -3.05 8.14
N VAL A 16 -20.82 -2.36 7.10
CA VAL A 16 -21.30 -2.63 5.74
C VAL A 16 -20.93 -4.06 5.32
N ILE A 17 -19.71 -4.48 5.61
CA ILE A 17 -19.28 -5.81 5.22
C ILE A 17 -20.12 -6.88 5.89
N GLU A 18 -20.45 -6.71 7.18
CA GLU A 18 -21.19 -7.80 7.83
C GLU A 18 -22.61 -7.94 7.31
N LYS A 19 -23.19 -6.87 6.75
CA LYS A 19 -24.53 -6.95 6.18
C LYS A 19 -24.54 -7.24 4.68
N ALA A 20 -23.37 -7.20 4.01
CA ALA A 20 -23.30 -7.29 2.55
C ALA A 20 -23.89 -8.59 2.03
N ASP A 21 -24.32 -8.56 0.75
CA ASP A 21 -24.89 -9.73 0.12
C ASP A 21 -24.09 -10.28 -1.05
N ASN A 22 -23.15 -9.52 -1.58
CA ASN A 22 -22.39 -9.93 -2.75
C ASN A 22 -20.96 -9.41 -2.64
N ALA A 23 -20.11 -9.99 -3.47
CA ALA A 23 -18.68 -9.71 -3.43
C ALA A 23 -18.39 -8.26 -3.74
N ASP A 24 -19.08 -7.67 -4.70
CA ASP A 24 -18.72 -6.30 -5.08
C ASP A 24 -18.88 -5.31 -3.92
N GLN A 25 -19.97 -5.43 -3.13
CA GLN A 25 -20.14 -4.57 -1.95
C GLN A 25 -19.06 -4.83 -0.92
N VAL A 26 -18.69 -6.10 -0.73
CA VAL A 26 -17.59 -6.42 0.21
C VAL A 26 -16.26 -5.83 -0.27
N ILE A 27 -15.94 -5.99 -1.57
CA ILE A 27 -14.69 -5.44 -2.06
C ILE A 27 -14.66 -3.92 -1.97
N ALA A 28 -15.76 -3.26 -2.34
CA ALA A 28 -15.75 -1.81 -2.29
C ALA A 28 -15.51 -1.33 -0.87
N ALA A 29 -16.17 -1.98 0.09
CA ALA A 29 -15.97 -1.58 1.49
C ALA A 29 -14.55 -1.81 1.96
N LEU A 30 -13.96 -2.97 1.57
CA LEU A 30 -12.57 -3.24 1.92
C LEU A 30 -11.62 -2.24 1.26
N LEU A 31 -11.88 -1.79 0.04
CA LEU A 31 -11.01 -0.75 -0.57
C LEU A 31 -11.12 0.58 0.19
N TYR A 32 -12.32 0.98 0.61
CA TYR A 32 -12.40 2.16 1.48
C TYR A 32 -11.67 1.93 2.79
N MET A 33 -11.75 0.73 3.37
CA MET A 33 -10.98 0.44 4.60
C MET A 33 -9.49 0.52 4.36
N LEU A 34 -9.02 -0.02 3.22
CA LEU A 34 -7.61 0.05 2.93
C LEU A 34 -7.14 1.49 2.82
N ALA A 35 -7.91 2.34 2.17
CA ALA A 35 -7.52 3.74 2.02
C ALA A 35 -7.46 4.38 3.39
N ALA A 36 -8.45 4.07 4.24
CA ALA A 36 -8.45 4.61 5.60
C ALA A 36 -7.28 4.12 6.42
N ALA A 37 -6.92 2.82 6.31
CA ALA A 37 -5.79 2.30 7.09
C ALA A 37 -4.49 2.98 6.69
N ILE A 38 -4.29 3.19 5.36
CA ILE A 38 -3.10 3.88 4.88
C ILE A 38 -3.09 5.30 5.44
N ALA A 39 -4.24 5.98 5.39
CA ALA A 39 -4.32 7.35 5.88
C ALA A 39 -4.03 7.41 7.38
N ALA A 40 -4.59 6.46 8.15
CA ALA A 40 -4.35 6.42 9.58
C ALA A 40 -2.86 6.30 9.89
N ALA A 41 -2.13 5.50 9.10
CA ALA A 41 -0.69 5.36 9.31
C ALA A 41 0.06 6.65 9.15
N THR A 42 -0.50 7.66 8.45
CA THR A 42 0.17 8.94 8.21
C THR A 42 -0.27 10.01 9.18
N ALA A 43 -1.21 9.68 10.04
CA ALA A 43 -1.79 10.63 10.97
C ALA A 43 -1.23 10.41 12.36
N THR A 44 -1.58 11.31 13.25
CA THR A 44 -1.08 11.24 14.61
C THR A 44 -2.26 11.04 15.53
N PRO A 45 -2.35 9.90 16.23
CA PRO A 45 -3.41 9.69 17.19
C PRO A 45 -3.18 10.49 18.45
N PRO A 46 -4.22 10.66 19.26
CA PRO A 46 -4.10 11.47 20.47
C PRO A 46 -2.98 11.05 21.40
N LYS A 47 -2.81 9.73 21.61
CA LYS A 47 -1.79 9.27 22.55
C LYS A 47 -0.39 9.63 22.09
N LEU A 48 -0.22 10.01 20.83
CA LEU A 48 1.12 10.31 20.32
C LEU A 48 1.29 11.76 19.94
N GLU A 49 0.36 12.62 20.36
CA GLU A 49 0.35 14.02 19.93
C GLU A 49 1.72 14.69 20.05
N ASP A 50 2.40 14.52 21.19
CA ASP A 50 3.64 15.24 21.47
C ASP A 50 4.88 14.38 21.32
N LYS A 51 4.78 13.21 20.69
CA LYS A 51 5.92 12.31 20.61
C LYS A 51 6.70 12.56 19.33
N SER A 52 7.98 12.25 19.39
CA SER A 52 8.81 12.33 18.20
C SER A 52 8.38 11.28 17.17
N PRO A 53 8.11 11.65 15.92
CA PRO A 53 7.65 10.64 14.96
C PRO A 53 8.67 9.54 14.68
N THR A 54 9.94 9.76 14.97
CA THR A 54 10.93 8.71 14.77
C THR A 54 11.16 7.88 16.04
N SER A 55 10.40 8.14 17.11
CA SER A 55 10.46 7.29 18.30
C SER A 55 10.00 5.85 18.03
N GLU A 56 10.51 4.93 18.88
CA GLU A 56 10.07 3.55 18.88
C GLU A 56 8.54 3.47 18.97
N GLU A 57 7.93 4.33 19.82
CA GLU A 57 6.47 4.27 20.04
C GLU A 57 5.70 4.67 18.79
N ALA A 58 6.16 5.70 18.10
CA ALA A 58 5.52 6.10 16.88
C ALA A 58 5.71 5.06 15.80
N LEU A 59 6.89 4.47 15.69
CA LEU A 59 7.07 3.38 14.71
C LEU A 59 6.13 2.20 15.00
N ALA A 60 5.95 1.83 16.27
CA ALA A 60 5.09 0.71 16.62
C ALA A 60 3.67 1.02 16.20
N PHE A 61 3.27 2.27 16.34
CA PHE A 61 1.93 2.67 15.90
C PHE A 61 1.78 2.48 14.42
N ARG A 62 2.74 3.00 13.65
CA ARG A 62 2.62 2.90 12.20
C ARG A 62 2.64 1.44 11.74
N LEU A 63 3.50 0.61 12.33
CA LEU A 63 3.52 -0.85 12.04
C LEU A 63 2.19 -1.50 12.37
N GLY A 64 1.55 -1.11 13.48
CA GLY A 64 0.24 -1.65 13.76
C GLY A 64 -0.80 -1.29 12.71
N MET A 65 -0.75 -0.05 12.20
CA MET A 65 -1.65 0.30 11.07
C MET A 65 -1.31 -0.51 9.85
N HIS A 66 0.00 -0.77 9.59
CA HIS A 66 0.37 -1.59 8.44
C HIS A 66 -0.16 -2.99 8.57
N GLU A 67 -0.23 -3.52 9.79
CA GLU A 67 -0.78 -4.85 10.00
C GLU A 67 -2.25 -4.86 9.60
N LEU A 68 -3.00 -3.81 9.98
CA LEU A 68 -4.39 -3.72 9.54
C LEU A 68 -4.49 -3.75 8.03
N ALA A 69 -3.65 -2.99 7.33
CA ALA A 69 -3.73 -2.98 5.87
C ALA A 69 -3.48 -4.39 5.32
N ALA A 70 -2.52 -5.15 5.89
CA ALA A 70 -2.30 -6.51 5.45
C ALA A 70 -3.56 -7.36 5.58
N LEU A 71 -4.24 -7.27 6.73
CA LEU A 71 -5.40 -8.11 6.93
C LEU A 71 -6.54 -7.71 6.02
N ILE A 72 -6.68 -6.41 5.76
CA ILE A 72 -7.71 -5.93 4.83
C ILE A 72 -7.44 -6.42 3.42
N THR A 73 -6.19 -6.42 3.00
CA THR A 73 -5.81 -6.88 1.67
C THR A 73 -6.08 -8.37 1.56
N LYS A 74 -5.77 -9.17 2.61
CA LYS A 74 -6.06 -10.60 2.54
C LYS A 74 -7.55 -10.86 2.39
N ALA A 75 -8.38 -10.10 3.14
CA ALA A 75 -9.82 -10.28 3.00
C ALA A 75 -10.31 -9.86 1.61
N THR A 76 -9.65 -8.89 1.01
CA THR A 76 -9.97 -8.47 -0.37
C THR A 76 -9.66 -9.59 -1.34
N ALA A 77 -8.55 -10.30 -1.13
CA ALA A 77 -8.19 -11.42 -2.01
C ALA A 77 -9.22 -12.54 -1.91
N LEU A 78 -9.70 -12.84 -0.70
CA LEU A 78 -10.74 -13.84 -0.52
C LEU A 78 -12.01 -13.42 -1.26
N ALA A 79 -12.42 -12.18 -1.06
CA ALA A 79 -13.66 -11.72 -1.72
C ALA A 79 -13.52 -11.72 -3.25
N TYR A 80 -12.34 -11.34 -3.75
CA TYR A 80 -12.09 -11.35 -5.20
C TYR A 80 -12.31 -12.75 -5.81
N GLN A 81 -11.94 -13.77 -5.08
CA GLN A 81 -12.09 -15.17 -5.47
C GLN A 81 -13.51 -15.66 -5.35
N GLY A 82 -14.41 -14.81 -4.87
CA GLY A 82 -15.77 -15.22 -4.62
C GLY A 82 -16.01 -15.89 -3.29
N LEU A 83 -15.02 -15.90 -2.39
CA LEU A 83 -15.17 -16.49 -1.06
C LEU A 83 -15.68 -15.40 -0.11
N VAL A 84 -16.94 -15.06 -0.33
CA VAL A 84 -17.56 -13.92 0.34
C VAL A 84 -17.79 -14.23 1.81
N LYS A 85 -18.29 -15.42 2.13
CA LYS A 85 -18.48 -15.67 3.56
C LYS A 85 -17.13 -15.73 4.29
N GLU A 86 -16.10 -16.23 3.62
CA GLU A 86 -14.77 -16.30 4.20
C GLU A 86 -14.22 -14.90 4.40
N ALA A 87 -14.45 -14.01 3.42
CA ALA A 87 -13.98 -12.64 3.57
C ALA A 87 -14.71 -11.93 4.68
N GLN A 88 -16.00 -12.22 4.83
CA GLN A 88 -16.76 -11.67 5.93
C GLN A 88 -16.25 -12.21 7.26
N ALA A 89 -15.84 -13.47 7.31
CA ALA A 89 -15.29 -13.97 8.56
C ALA A 89 -13.96 -13.32 8.86
N ALA A 90 -13.16 -13.11 7.82
CA ALA A 90 -11.88 -12.45 8.03
C ALA A 90 -12.09 -11.02 8.51
N ALA A 91 -13.10 -10.33 7.97
CA ALA A 91 -13.37 -8.97 8.42
C ALA A 91 -13.82 -8.96 9.88
N GLU A 92 -14.67 -9.92 10.27
CA GLU A 92 -15.08 -10.01 11.67
C GLU A 92 -13.86 -10.22 12.56
N GLN A 93 -12.89 -11.01 12.10
CA GLN A 93 -11.70 -11.24 12.90
C GLN A 93 -10.83 -10.01 12.96
N LEU A 94 -10.67 -9.32 11.84
CA LEU A 94 -9.79 -8.18 11.96
C LEU A 94 -10.43 -6.99 12.66
N LYS A 95 -11.75 -6.96 12.82
CA LYS A 95 -12.42 -6.02 13.72
C LYS A 95 -11.78 -5.99 15.11
N THR A 96 -11.41 -7.16 15.63
CA THR A 96 -10.79 -7.22 16.94
CA THR A 96 -10.77 -7.21 16.95
C THR A 96 -9.39 -6.60 16.90
N THR A 97 -8.62 -6.85 15.84
CA THR A 97 -7.29 -6.22 15.73
C THR A 97 -7.38 -4.71 15.55
N VAL A 98 -8.38 -4.25 14.80
CA VAL A 98 -8.62 -2.82 14.69
C VAL A 98 -8.96 -2.26 16.06
N ASN A 99 -9.86 -2.93 16.76
CA ASN A 99 -10.27 -2.49 18.08
C ASN A 99 -9.08 -2.37 19.01
N ALA A 100 -8.15 -3.32 18.92
CA ALA A 100 -6.97 -3.26 19.78
C ALA A 100 -6.23 -1.96 19.56
N HIS A 101 -6.02 -1.61 18.28
CA HIS A 101 -5.32 -0.37 17.96
C HIS A 101 -6.12 0.85 18.40
N TRP A 102 -7.43 0.85 18.16
CA TRP A 102 -8.26 1.98 18.54
C TRP A 102 -8.16 2.24 20.03
N GLN A 103 -8.32 1.18 20.84
CA GLN A 103 -8.29 1.33 22.28
C GLN A 103 -6.94 1.78 22.77
N LYS A 104 -5.87 1.30 22.13
CA LYS A 104 -4.53 1.68 22.56
C LYS A 104 -4.27 3.16 22.34
N TYR A 105 -4.71 3.72 21.19
CA TYR A 105 -4.21 5.04 20.82
C TYR A 105 -5.24 6.14 20.94
N ARG A 106 -6.50 5.83 21.26
CA ARG A 106 -7.53 6.85 21.27
C ARG A 106 -7.44 7.78 22.49
N SER A 107 -8.11 8.92 22.36
CA SER A 107 -8.62 9.86 23.38
C SER A 107 -7.85 11.14 23.47
N GLN B 1 2.65 -13.31 13.63
CA GLN B 1 2.89 -14.24 12.53
C GLN B 1 4.28 -14.06 11.88
N ASP B 2 4.92 -15.19 11.60
CA ASP B 2 6.32 -15.21 11.22
C ASP B 2 6.59 -14.35 9.97
N TRP B 3 7.74 -13.69 9.97
CA TRP B 3 8.32 -13.31 8.68
C TRP B 3 8.42 -14.52 7.76
N GLU B 4 8.79 -15.68 8.33
CA GLU B 4 8.91 -16.90 7.53
C GLU B 4 7.57 -17.32 6.92
N ASP B 5 6.46 -17.17 7.67
CA ASP B 5 5.15 -17.49 7.10
C ASP B 5 4.81 -16.55 5.94
N ALA B 6 5.13 -15.25 6.04
CA ALA B 6 4.89 -14.38 4.87
C ALA B 6 5.76 -14.80 3.67
N MET B 7 7.03 -15.17 3.92
CA MET B 7 7.86 -15.61 2.79
C MET B 7 7.30 -16.87 2.15
N GLU B 8 6.80 -17.79 2.96
CA GLU B 8 6.16 -18.99 2.38
C GLU B 8 4.94 -18.59 1.55
N THR B 9 4.12 -17.65 2.02
CA THR B 9 2.96 -17.24 1.21
C THR B 9 3.41 -16.63 -0.12
N LEU B 10 4.46 -15.80 -0.10
CA LEU B 10 4.99 -15.28 -1.35
C LEU B 10 5.46 -16.39 -2.28
N ASN B 11 6.24 -17.35 -1.76
CA ASN B 11 6.70 -18.49 -2.56
C ASN B 11 5.50 -19.26 -3.15
N ASP B 12 4.49 -19.57 -2.30
CA ASP B 12 3.36 -20.37 -2.78
C ASP B 12 2.65 -19.67 -3.93
N ASN B 13 2.39 -18.38 -3.75
CA ASN B 13 1.59 -17.69 -4.74
C ASN B 13 2.37 -17.39 -6.01
N LEU B 14 3.70 -17.32 -5.95
CA LEU B 14 4.45 -17.28 -7.22
C LEU B 14 4.23 -18.56 -8.03
N LYS B 15 4.15 -19.72 -7.36
CA LYS B 15 3.88 -20.95 -8.11
CA LYS B 15 3.88 -20.95 -8.11
C LYS B 15 2.49 -20.92 -8.71
N VAL B 16 1.52 -20.37 -7.97
CA VAL B 16 0.14 -20.24 -8.48
C VAL B 16 0.14 -19.39 -9.75
N ILE B 17 0.84 -18.26 -9.73
CA ILE B 17 0.86 -17.36 -10.88
C ILE B 17 1.50 -18.05 -12.07
N GLU B 18 2.63 -18.77 -11.87
CA GLU B 18 3.31 -19.39 -13.00
C GLU B 18 2.40 -20.39 -13.73
N LYS B 19 1.47 -21.05 -13.03
CA LYS B 19 0.57 -22.06 -13.60
C LYS B 19 -0.77 -21.49 -14.04
N ALA B 20 -1.00 -20.21 -13.86
CA ALA B 20 -2.30 -19.65 -14.10
C ALA B 20 -2.59 -19.60 -15.60
N ASP B 21 -3.88 -19.68 -15.90
CA ASP B 21 -4.37 -19.57 -17.25
C ASP B 21 -5.14 -18.28 -17.51
N ASN B 22 -5.52 -17.54 -16.48
CA ASN B 22 -6.31 -16.35 -16.77
C ASN B 22 -5.99 -15.25 -15.79
N ALA B 23 -6.45 -14.02 -16.12
CA ALA B 23 -6.09 -12.84 -15.34
C ALA B 23 -6.62 -12.90 -13.92
N ASP B 24 -7.81 -13.47 -13.68
CA ASP B 24 -8.36 -13.45 -12.32
C ASP B 24 -7.58 -14.36 -11.37
N GLN B 25 -7.03 -15.47 -11.91
CA GLN B 25 -6.18 -16.35 -11.11
C GLN B 25 -4.92 -15.58 -10.71
N VAL B 26 -4.34 -14.85 -11.66
CA VAL B 26 -3.13 -14.05 -11.38
C VAL B 26 -3.43 -12.93 -10.38
N ILE B 27 -4.55 -12.20 -10.57
CA ILE B 27 -4.89 -11.08 -9.67
C ILE B 27 -5.11 -11.59 -8.23
N ALA B 28 -5.85 -12.69 -8.06
CA ALA B 28 -6.07 -13.19 -6.69
C ALA B 28 -4.75 -13.55 -6.01
N ALA B 29 -3.86 -14.22 -6.73
CA ALA B 29 -2.56 -14.61 -6.16
C ALA B 29 -1.73 -13.39 -5.82
N LEU B 30 -1.74 -12.39 -6.71
CA LEU B 30 -1.01 -11.14 -6.44
C LEU B 30 -1.58 -10.43 -5.21
N LEU B 31 -2.90 -10.46 -5.00
CA LEU B 31 -3.45 -9.84 -3.81
C LEU B 31 -3.01 -10.57 -2.54
N TYR B 32 -2.94 -11.91 -2.58
CA TYR B 32 -2.39 -12.62 -1.41
C TYR B 32 -0.91 -12.26 -1.20
N MET B 33 -0.16 -12.11 -2.29
CA MET B 33 1.26 -11.70 -2.16
C MET B 33 1.34 -10.32 -1.56
N LEU B 34 0.45 -9.39 -1.98
CA LEU B 34 0.52 -8.01 -1.46
C LEU B 34 0.28 -8.02 0.04
N ALA B 35 -0.73 -8.81 0.50
CA ALA B 35 -0.99 -8.93 1.93
C ALA B 35 0.22 -9.47 2.65
N ALA B 36 0.88 -10.49 2.08
CA ALA B 36 2.06 -11.07 2.74
C ALA B 36 3.22 -10.08 2.79
N ALA B 37 3.45 -9.31 1.71
CA ALA B 37 4.55 -8.33 1.71
C ALA B 37 4.33 -7.25 2.74
N ILE B 38 3.10 -6.75 2.85
CA ILE B 38 2.78 -5.78 3.88
C ILE B 38 3.00 -6.39 5.26
N ALA B 39 2.48 -7.60 5.48
CA ALA B 39 2.70 -8.27 6.78
C ALA B 39 4.17 -8.45 7.09
N ALA B 40 4.97 -8.83 6.09
CA ALA B 40 6.39 -9.10 6.36
C ALA B 40 7.10 -7.84 6.83
N ALA B 41 6.65 -6.66 6.32
CA ALA B 41 7.26 -5.39 6.70
C ALA B 41 7.01 -5.05 8.16
N THR B 42 6.05 -5.69 8.82
CA THR B 42 5.77 -5.45 10.22
C THR B 42 6.41 -6.49 11.15
N ALA B 43 7.16 -7.45 10.61
CA ALA B 43 7.77 -8.53 11.35
C ALA B 43 9.26 -8.27 11.54
N THR B 44 9.86 -9.03 12.46
CA THR B 44 11.29 -8.94 12.66
C THR B 44 11.92 -10.23 12.15
N PRO B 45 12.68 -10.20 11.06
CA PRO B 45 13.31 -11.42 10.56
C PRO B 45 14.52 -11.75 11.40
N PRO B 46 15.01 -13.01 11.32
CA PRO B 46 16.11 -13.44 12.21
C PRO B 46 17.30 -12.52 12.16
N LYS B 47 17.65 -12.06 10.96
CA LYS B 47 18.83 -11.23 10.82
C LYS B 47 18.73 -9.94 11.63
N LEU B 48 17.53 -9.49 11.98
CA LEU B 48 17.36 -8.21 12.64
C LEU B 48 16.99 -8.33 14.12
N GLU B 49 16.98 -9.56 14.66
CA GLU B 49 16.65 -9.76 16.07
C GLU B 49 17.59 -9.03 17.05
N ASP B 50 18.83 -8.76 16.68
CA ASP B 50 19.76 -8.04 17.56
C ASP B 50 19.84 -6.52 17.31
N LYS B 51 18.92 -5.94 16.53
CA LYS B 51 19.02 -4.54 16.14
C LYS B 51 17.82 -3.76 16.68
N SER B 52 18.02 -2.46 16.92
CA SER B 52 16.91 -1.59 17.26
C SER B 52 15.90 -1.54 16.13
N PRO B 53 14.61 -1.59 16.43
CA PRO B 53 13.61 -1.37 15.39
C PRO B 53 13.74 0.01 14.70
N THR B 54 14.39 1.00 15.33
CA THR B 54 14.56 2.29 14.70
C THR B 54 15.91 2.43 13.98
N SER B 55 16.67 1.34 13.91
CA SER B 55 17.97 1.39 13.21
C SER B 55 17.81 1.59 11.69
N GLU B 56 18.87 2.09 11.06
CA GLU B 56 18.89 2.17 9.60
C GLU B 56 18.75 0.80 8.97
N GLU B 57 19.30 -0.25 9.61
CA GLU B 57 19.20 -1.59 9.05
C GLU B 57 17.78 -2.10 9.07
N ALA B 58 17.06 -1.83 10.16
CA ALA B 58 15.65 -2.21 10.17
C ALA B 58 14.86 -1.42 9.16
N LEU B 59 15.12 -0.11 9.01
CA LEU B 59 14.42 0.67 7.99
C LEU B 59 14.72 0.12 6.59
N ALA B 60 15.99 -0.25 6.30
CA ALA B 60 16.24 -0.78 4.95
C ALA B 60 15.45 -2.05 4.69
N PHE B 61 15.29 -2.90 5.71
CA PHE B 61 14.47 -4.10 5.58
C PHE B 61 13.02 -3.73 5.26
N ARG B 62 12.43 -2.78 5.97
CA ARG B 62 11.04 -2.43 5.69
C ARG B 62 10.88 -1.81 4.33
N LEU B 63 11.83 -0.99 3.91
CA LEU B 63 11.72 -0.44 2.56
C LEU B 63 11.92 -1.50 1.49
N GLY B 64 12.74 -2.52 1.75
CA GLY B 64 12.81 -3.62 0.78
C GLY B 64 11.49 -4.34 0.65
N MET B 65 10.75 -4.50 1.75
CA MET B 65 9.43 -5.08 1.61
C MET B 65 8.50 -4.12 0.87
N HIS B 66 8.61 -2.80 1.14
CA HIS B 66 7.73 -1.87 0.43
C HIS B 66 8.02 -1.90 -1.06
N GLU B 67 9.31 -2.05 -1.44
CA GLU B 67 9.68 -2.18 -2.84
C GLU B 67 8.99 -3.39 -3.47
N LEU B 68 8.92 -4.50 -2.73
CA LEU B 68 8.25 -5.68 -3.22
C LEU B 68 6.77 -5.40 -3.41
N ALA B 69 6.14 -4.69 -2.47
CA ALA B 69 4.73 -4.38 -2.63
C ALA B 69 4.50 -3.52 -3.88
N ALA B 70 5.41 -2.57 -4.17
CA ALA B 70 5.27 -1.80 -5.42
C ALA B 70 5.28 -2.71 -6.66
N LEU B 71 6.23 -3.63 -6.74
CA LEU B 71 6.34 -4.54 -7.89
C LEU B 71 5.09 -5.41 -8.00
N ILE B 72 4.58 -5.89 -6.86
CA ILE B 72 3.38 -6.70 -6.87
C ILE B 72 2.21 -5.88 -7.42
N THR B 73 2.07 -4.62 -6.97
CA THR B 73 0.98 -3.76 -7.42
C THR B 73 1.08 -3.45 -8.92
N LYS B 74 2.29 -3.22 -9.42
CA LYS B 74 2.44 -3.00 -10.85
C LYS B 74 2.07 -4.27 -11.64
N ALA B 75 2.47 -5.47 -11.17
CA ALA B 75 2.02 -6.70 -11.84
C ALA B 75 0.50 -6.81 -11.82
N THR B 76 -0.13 -6.33 -10.75
CA THR B 76 -1.59 -6.38 -10.67
C THR B 76 -2.24 -5.48 -11.71
N ALA B 77 -1.62 -4.31 -11.94
CA ALA B 77 -2.13 -3.41 -12.99
C ALA B 77 -2.02 -4.04 -14.36
N LEU B 78 -0.90 -4.70 -14.65
CA LEU B 78 -0.74 -5.41 -15.91
C LEU B 78 -1.82 -6.49 -16.06
N ALA B 79 -2.01 -7.33 -15.01
CA ALA B 79 -3.01 -8.38 -15.11
C ALA B 79 -4.41 -7.80 -15.21
N TYR B 80 -4.66 -6.67 -14.59
CA TYR B 80 -5.99 -6.07 -14.69
C TYR B 80 -6.30 -5.60 -16.10
N GLN B 81 -5.29 -5.20 -16.85
CA GLN B 81 -5.47 -4.81 -18.26
C GLN B 81 -5.55 -6.00 -19.19
N GLY B 82 -5.49 -7.22 -18.68
CA GLY B 82 -5.54 -8.40 -19.50
C GLY B 82 -4.20 -8.85 -19.98
N LEU B 83 -3.13 -8.20 -19.55
CA LEU B 83 -1.76 -8.52 -20.02
C LEU B 83 -1.19 -9.64 -19.16
N VAL B 84 -1.73 -10.84 -19.35
CA VAL B 84 -1.45 -11.97 -18.44
C VAL B 84 -0.01 -12.40 -18.57
N LYS B 85 0.46 -12.58 -19.82
CA LYS B 85 1.85 -12.97 -20.01
C LYS B 85 2.80 -11.91 -19.47
N GLU B 86 2.47 -10.62 -19.66
CA GLU B 86 3.29 -9.57 -19.08
C GLU B 86 3.30 -9.65 -17.56
N ALA B 87 2.15 -9.90 -16.96
CA ALA B 87 2.08 -9.98 -15.51
C ALA B 87 2.89 -11.17 -15.00
N GLN B 88 2.82 -12.30 -15.71
CA GLN B 88 3.61 -13.47 -15.33
C GLN B 88 5.11 -13.20 -15.48
N ALA B 89 5.50 -12.45 -16.50
CA ALA B 89 6.91 -12.09 -16.62
C ALA B 89 7.33 -11.15 -15.49
N ALA B 90 6.46 -10.21 -15.11
CA ALA B 90 6.77 -9.36 -13.97
C ALA B 90 6.92 -10.20 -12.73
N ALA B 91 6.09 -11.25 -12.58
CA ALA B 91 6.19 -12.12 -11.42
C ALA B 91 7.50 -12.89 -11.41
N GLU B 92 8.04 -13.22 -12.57
CA GLU B 92 9.34 -13.90 -12.59
C GLU B 92 10.43 -12.99 -12.05
N GLN B 93 10.40 -11.73 -12.42
CA GLN B 93 11.25 -10.73 -11.77
C GLN B 93 11.03 -10.64 -10.27
N LEU B 94 9.80 -10.65 -9.79
CA LEU B 94 9.79 -10.47 -8.36
C LEU B 94 10.09 -11.77 -7.63
N LYS B 95 10.02 -12.91 -8.30
CA LYS B 95 10.59 -14.12 -7.70
C LYS B 95 12.03 -13.87 -7.30
N THR B 96 12.82 -13.23 -8.20
CA THR B 96 14.21 -12.92 -7.88
CA THR B 96 14.21 -12.93 -7.87
C THR B 96 14.32 -12.03 -6.65
N THR B 97 13.47 -11.00 -6.56
CA THR B 97 13.48 -10.09 -5.44
C THR B 97 13.13 -10.81 -4.14
N VAL B 98 12.11 -11.68 -4.18
CA VAL B 98 11.71 -12.41 -2.97
C VAL B 98 12.84 -13.33 -2.50
N ASN B 99 13.43 -14.08 -3.45
CA ASN B 99 14.57 -14.96 -3.15
C ASN B 99 15.72 -14.18 -2.51
N ALA B 100 16.12 -13.05 -3.12
CA ALA B 100 17.21 -12.24 -2.57
C ALA B 100 16.91 -11.80 -1.14
N HIS B 101 15.68 -11.34 -0.88
CA HIS B 101 15.30 -10.89 0.45
C HIS B 101 15.33 -12.05 1.45
N TRP B 102 14.78 -13.20 1.06
CA TRP B 102 14.84 -14.41 1.89
C TRP B 102 16.27 -14.75 2.28
N GLN B 103 17.16 -14.78 1.29
CA GLN B 103 18.54 -15.14 1.60
C GLN B 103 19.19 -14.11 2.50
N LYS B 104 18.84 -12.86 2.34
CA LYS B 104 19.49 -11.80 3.11
C LYS B 104 19.06 -11.84 4.59
N TYR B 105 17.78 -12.10 4.84
CA TYR B 105 17.28 -11.85 6.18
C TYR B 105 17.01 -13.13 6.99
N ARG B 106 17.13 -14.32 6.40
CA ARG B 106 16.97 -15.55 7.15
C ARG B 106 18.20 -15.70 8.05
N SER B 107 18.10 -16.57 9.06
CA SER B 107 19.24 -16.86 9.94
C SER B 107 19.88 -15.65 10.64
N ALA B 108 20.02 -15.73 11.96
CA ALA B 108 20.42 -14.59 12.79
C ALA B 108 21.78 -14.00 12.40
N GLN C 1 17.33 9.19 -9.69
CA GLN C 1 16.22 9.31 -10.68
C GLN C 1 14.95 8.58 -10.34
N ASP C 2 14.97 7.73 -9.31
CA ASP C 2 13.82 6.88 -9.02
C ASP C 2 12.60 7.69 -8.60
N TRP C 3 12.81 8.71 -7.77
CA TRP C 3 11.69 9.53 -7.34
C TRP C 3 11.11 10.33 -8.49
N GLU C 4 11.97 10.96 -9.28
CA GLU C 4 11.47 11.73 -10.43
C GLU C 4 10.72 10.82 -11.40
N ASP C 5 11.20 9.58 -11.60
CA ASP C 5 10.52 8.65 -12.49
C ASP C 5 9.14 8.30 -11.99
N ALA C 6 9.02 8.06 -10.69
CA ALA C 6 7.71 7.78 -10.10
C ALA C 6 6.78 8.96 -10.27
N MET C 7 7.27 10.16 -10.05
CA MET C 7 6.45 11.35 -10.22
C MET C 7 5.99 11.45 -11.64
N GLU C 8 6.86 11.15 -12.61
CA GLU C 8 6.41 11.19 -14.01
C GLU C 8 5.31 10.16 -14.25
N THR C 9 5.41 8.99 -13.61
CA THR C 9 4.39 7.96 -13.80
C THR C 9 3.06 8.43 -13.23
N LEU C 10 3.11 9.12 -12.09
CA LEU C 10 1.89 9.69 -11.51
C LEU C 10 1.26 10.68 -12.47
N ASN C 11 2.06 11.64 -12.97
CA ASN C 11 1.63 12.63 -13.94
CA ASN C 11 1.51 12.61 -13.89
C ASN C 11 1.00 11.95 -15.16
N ASP C 12 1.71 10.94 -15.68
CA ASP C 12 1.26 10.30 -16.91
C ASP C 12 -0.11 9.67 -16.72
N ASN C 13 -0.31 8.98 -15.61
CA ASN C 13 -1.56 8.27 -15.37
C ASN C 13 -2.68 9.21 -14.95
N LEU C 14 -2.38 10.37 -14.40
CA LEU C 14 -3.46 11.34 -14.17
C LEU C 14 -4.06 11.75 -15.50
N LYS C 15 -3.24 11.86 -16.54
CA LYS C 15 -3.75 12.25 -17.85
CA LYS C 15 -3.76 12.25 -17.85
C LYS C 15 -4.58 11.13 -18.45
N VAL C 16 -4.17 9.88 -18.25
CA VAL C 16 -4.98 8.74 -18.69
C VAL C 16 -6.35 8.80 -18.05
N ILE C 17 -6.38 9.07 -16.75
CA ILE C 17 -7.65 9.09 -16.02
C ILE C 17 -8.55 10.19 -16.56
N GLU C 18 -7.99 11.39 -16.84
CA GLU C 18 -8.80 12.48 -17.34
C GLU C 18 -9.45 12.12 -18.69
N LYS C 19 -8.73 11.40 -19.55
CA LYS C 19 -9.22 10.99 -20.88
C LYS C 19 -10.03 9.70 -20.86
N ALA C 20 -10.19 9.04 -19.71
CA ALA C 20 -10.75 7.69 -19.68
C ALA C 20 -12.24 7.71 -19.97
N ASP C 21 -12.71 6.61 -20.57
CA ASP C 21 -14.10 6.48 -20.98
C ASP C 21 -14.86 5.45 -20.17
N ASN C 22 -14.22 4.69 -19.29
CA ASN C 22 -14.92 3.70 -18.50
C ASN C 22 -14.15 3.38 -17.22
N ALA C 23 -14.81 2.62 -16.34
CA ALA C 23 -14.26 2.36 -15.02
C ALA C 23 -12.98 1.56 -15.13
N ASP C 24 -12.91 0.60 -16.06
CA ASP C 24 -11.74 -0.28 -16.12
C ASP C 24 -10.51 0.48 -16.53
N GLN C 25 -10.65 1.45 -17.44
CA GLN C 25 -9.51 2.30 -17.79
C GLN C 25 -9.06 3.11 -16.61
N VAL C 26 -10.00 3.59 -15.79
CA VAL C 26 -9.61 4.38 -14.63
C VAL C 26 -8.90 3.52 -13.58
N ILE C 27 -9.44 2.32 -13.31
CA ILE C 27 -8.87 1.46 -12.29
C ILE C 27 -7.44 1.06 -12.69
N ALA C 28 -7.22 0.71 -13.95
CA ALA C 28 -5.86 0.31 -14.36
C ALA C 28 -4.87 1.45 -14.14
N ALA C 29 -5.29 2.66 -14.46
CA ALA C 29 -4.40 3.82 -14.27
C ALA C 29 -4.14 4.09 -12.80
N LEU C 30 -5.15 3.94 -11.94
CA LEU C 30 -4.96 4.13 -10.52
C LEU C 30 -4.04 3.06 -9.96
N LEU C 31 -4.07 1.82 -10.50
CA LEU C 31 -3.18 0.79 -9.98
C LEU C 31 -1.75 1.10 -10.34
N TYR C 32 -1.53 1.62 -11.55
CA TYR C 32 -0.17 2.07 -11.87
C TYR C 32 0.27 3.22 -10.98
N MET C 33 -0.66 4.16 -10.66
CA MET C 33 -0.28 5.24 -9.75
C MET C 33 0.04 4.70 -8.37
N LEU C 34 -0.75 3.73 -7.90
CA LEU C 34 -0.49 3.21 -6.55
C LEU C 34 0.89 2.53 -6.49
N ALA C 35 1.25 1.75 -7.51
CA ALA C 35 2.59 1.15 -7.57
C ALA C 35 3.67 2.23 -7.57
N ALA C 36 3.48 3.29 -8.37
CA ALA C 36 4.47 4.36 -8.40
C ALA C 36 4.53 5.12 -7.06
N ALA C 37 3.39 5.33 -6.39
CA ALA C 37 3.42 5.98 -5.08
C ALA C 37 4.20 5.15 -4.08
N ILE C 38 3.97 3.84 -4.05
CA ILE C 38 4.68 2.97 -3.11
C ILE C 38 6.16 2.99 -3.43
N ALA C 39 6.51 2.88 -4.71
CA ALA C 39 7.91 2.91 -5.10
C ALA C 39 8.55 4.24 -4.71
N ALA C 40 7.81 5.34 -4.90
CA ALA C 40 8.40 6.65 -4.57
C ALA C 40 8.75 6.74 -3.09
N ALA C 41 7.93 6.15 -2.21
CA ALA C 41 8.22 6.19 -0.79
C ALA C 41 9.48 5.43 -0.41
N THR C 42 10.00 4.55 -1.27
CA THR C 42 11.26 3.87 -1.02
C THR C 42 12.45 4.58 -1.66
N ALA C 43 12.20 5.67 -2.39
CA ALA C 43 13.24 6.42 -3.10
C ALA C 43 13.73 7.61 -2.28
N THR C 44 14.88 8.17 -2.69
CA THR C 44 15.34 9.42 -2.07
C THR C 44 15.22 10.59 -3.04
N PRO C 45 14.38 11.59 -2.75
CA PRO C 45 14.24 12.71 -3.68
C PRO C 45 15.42 13.66 -3.57
N PRO C 46 15.56 14.55 -4.54
CA PRO C 46 16.74 15.42 -4.54
C PRO C 46 16.88 16.25 -3.28
N LYS C 47 15.76 16.69 -2.68
CA LYS C 47 15.87 17.56 -1.50
C LYS C 47 16.49 16.84 -0.29
N LEU C 48 16.37 15.52 -0.24
CA LEU C 48 16.82 14.71 0.88
C LEU C 48 18.11 13.93 0.60
N GLU C 49 18.80 14.21 -0.52
CA GLU C 49 20.02 13.46 -0.86
C GLU C 49 21.02 13.37 0.29
N ASP C 50 21.12 14.39 1.12
CA ASP C 50 22.17 14.37 2.12
C ASP C 50 21.70 13.92 3.51
N LYS C 51 20.42 13.63 3.69
CA LYS C 51 19.86 13.40 5.01
C LYS C 51 19.91 11.92 5.36
N SER C 52 20.00 11.62 6.66
CA SER C 52 19.87 10.25 7.13
C SER C 52 18.50 9.69 6.74
N PRO C 53 18.42 8.49 6.19
CA PRO C 53 17.09 7.92 5.95
C PRO C 53 16.26 7.76 7.23
N THR C 54 16.85 7.74 8.42
CA THR C 54 16.07 7.67 9.66
C THR C 54 15.76 9.06 10.25
N SER C 55 16.07 10.14 9.54
CA SER C 55 15.76 11.46 10.05
C SER C 55 14.24 11.71 10.03
N GLU C 56 13.82 12.70 10.82
CA GLU C 56 12.41 13.13 10.78
C GLU C 56 12.04 13.60 9.40
N GLU C 57 12.96 14.30 8.73
CA GLU C 57 12.61 14.88 7.43
C GLU C 57 12.42 13.80 6.37
N ALA C 58 13.20 12.73 6.46
CA ALA C 58 13.00 11.60 5.56
C ALA C 58 11.72 10.86 5.87
N LEU C 59 11.40 10.71 7.16
CA LEU C 59 10.14 10.05 7.47
C LEU C 59 8.97 10.89 6.99
N ALA C 60 9.04 12.22 7.16
CA ALA C 60 7.91 13.05 6.73
C ALA C 60 7.67 12.93 5.22
N PHE C 61 8.73 12.82 4.46
CA PHE C 61 8.64 12.56 3.02
C PHE C 61 7.93 11.24 2.73
N ARG C 62 8.34 10.16 3.42
CA ARG C 62 7.72 8.88 3.19
C ARG C 62 6.25 8.91 3.55
N LEU C 63 5.90 9.59 4.63
CA LEU C 63 4.48 9.63 5.01
C LEU C 63 3.72 10.47 4.02
N GLY C 64 4.36 11.49 3.44
CA GLY C 64 3.67 12.24 2.42
C GLY C 64 3.38 11.41 1.17
N MET C 65 4.32 10.53 0.79
CA MET C 65 4.01 9.63 -0.32
C MET C 65 2.91 8.65 0.06
N HIS C 66 2.90 8.20 1.30
CA HIS C 66 1.80 7.33 1.74
C HIS C 66 0.47 8.06 1.73
N GLU C 67 0.44 9.37 2.01
CA GLU C 67 -0.82 10.12 1.88
C GLU C 67 -1.33 9.99 0.45
N LEU C 68 -0.43 10.12 -0.51
CA LEU C 68 -0.84 10.00 -1.92
C LEU C 68 -1.40 8.60 -2.18
N ALA C 69 -0.75 7.56 -1.64
CA ALA C 69 -1.25 6.19 -1.83
C ALA C 69 -2.67 6.08 -1.26
N ALA C 70 -2.95 6.73 -0.12
CA ALA C 70 -4.29 6.65 0.47
C ALA C 70 -5.31 7.31 -0.44
N LEU C 71 -4.98 8.45 -1.02
CA LEU C 71 -5.93 9.14 -1.91
C LEU C 71 -6.17 8.34 -3.18
N ILE C 72 -5.10 7.71 -3.68
CA ILE C 72 -5.22 6.86 -4.87
C ILE C 72 -6.10 5.69 -4.56
N THR C 73 -5.93 5.09 -3.39
CA THR C 73 -6.74 3.91 -3.04
C THR C 73 -8.21 4.29 -2.92
N LYS C 74 -8.47 5.47 -2.37
CA LYS C 74 -9.88 5.92 -2.22
C LYS C 74 -10.49 6.12 -3.59
N ALA C 75 -9.74 6.70 -4.53
CA ALA C 75 -10.25 6.86 -5.91
C ALA C 75 -10.49 5.52 -6.55
N THR C 76 -9.68 4.56 -6.21
CA THR C 76 -9.85 3.20 -6.74
C THR C 76 -11.15 2.58 -6.23
N ALA C 77 -11.47 2.76 -4.94
CA ALA C 77 -12.75 2.33 -4.39
C ALA C 77 -13.92 2.97 -5.13
N LEU C 78 -13.83 4.28 -5.39
CA LEU C 78 -14.90 4.93 -6.18
C LEU C 78 -15.03 4.29 -7.57
N ALA C 79 -13.93 4.08 -8.26
CA ALA C 79 -14.02 3.53 -9.60
C ALA C 79 -14.51 2.09 -9.58
N TYR C 80 -14.12 1.30 -8.58
CA TYR C 80 -14.61 -0.08 -8.45
C TYR C 80 -16.14 -0.11 -8.32
N GLN C 81 -16.71 0.89 -7.65
CA GLN C 81 -18.17 1.01 -7.54
C GLN C 81 -18.82 1.45 -8.80
N GLY C 82 -18.06 1.86 -9.82
CA GLY C 82 -18.66 2.40 -11.02
C GLY C 82 -18.85 3.89 -10.98
N LEU C 83 -18.31 4.56 -9.97
CA LEU C 83 -18.51 6.01 -9.82
C LEU C 83 -17.38 6.73 -10.54
N VAL C 84 -17.46 6.68 -11.87
CA VAL C 84 -16.31 7.07 -12.71
C VAL C 84 -16.10 8.58 -12.67
N LYS C 85 -17.16 9.37 -12.79
CA LYS C 85 -16.97 10.83 -12.73
C LYS C 85 -16.41 11.23 -11.36
N GLU C 86 -16.88 10.59 -10.32
CA GLU C 86 -16.41 10.84 -8.95
C GLU C 86 -14.96 10.47 -8.78
N ALA C 87 -14.54 9.34 -9.38
CA ALA C 87 -13.11 8.98 -9.32
C ALA C 87 -12.28 9.96 -10.11
N GLN C 88 -12.75 10.40 -11.26
CA GLN C 88 -12.05 11.42 -12.07
C GLN C 88 -11.94 12.72 -11.29
N ALA C 89 -12.98 13.11 -10.53
CA ALA C 89 -12.88 14.32 -9.72
C ALA C 89 -11.86 14.16 -8.59
N ALA C 90 -11.86 12.98 -7.94
CA ALA C 90 -10.86 12.68 -6.92
C ALA C 90 -9.47 12.74 -7.53
N ALA C 91 -9.34 12.28 -8.78
CA ALA C 91 -8.01 12.33 -9.41
C ALA C 91 -7.56 13.76 -9.67
N GLU C 92 -8.49 14.64 -10.07
CA GLU C 92 -8.12 16.02 -10.29
C GLU C 92 -7.62 16.63 -8.99
N GLN C 93 -8.25 16.24 -7.87
CA GLN C 93 -7.84 16.76 -6.58
C GLN C 93 -6.48 16.22 -6.21
N LEU C 94 -6.22 14.93 -6.45
CA LEU C 94 -4.92 14.45 -6.04
C LEU C 94 -3.81 14.96 -6.96
N LYS C 95 -4.11 15.39 -8.17
CA LYS C 95 -3.11 16.10 -8.97
C LYS C 95 -2.55 17.30 -8.20
N THR C 96 -3.39 18.03 -7.48
CA THR C 96 -2.92 19.18 -6.71
CA THR C 96 -2.86 19.17 -6.76
C THR C 96 -1.96 18.72 -5.62
N THR C 97 -2.28 17.59 -5.00
CA THR C 97 -1.44 17.08 -3.93
C THR C 97 -0.14 16.56 -4.51
N VAL C 98 -0.21 15.86 -5.65
CA VAL C 98 1.02 15.41 -6.31
C VAL C 98 1.91 16.62 -6.64
N ASN C 99 1.32 17.70 -7.15
CA ASN C 99 2.07 18.90 -7.51
C ASN C 99 2.75 19.47 -6.29
N ALA C 100 2.04 19.51 -5.16
CA ALA C 100 2.61 20.09 -3.94
C ALA C 100 3.81 19.27 -3.48
N HIS C 101 3.70 17.96 -3.51
CA HIS C 101 4.81 17.10 -3.09
C HIS C 101 6.00 17.29 -4.03
N TRP C 102 5.70 17.35 -5.34
CA TRP C 102 6.74 17.54 -6.34
C TRP C 102 7.50 18.84 -6.09
N GLN C 103 6.78 19.94 -5.83
CA GLN C 103 7.43 21.22 -5.59
C GLN C 103 8.22 21.20 -4.30
N LYS C 104 7.73 20.48 -3.28
CA LYS C 104 8.44 20.43 -1.99
C LYS C 104 9.78 19.71 -2.11
N TYR C 105 9.84 18.63 -2.89
CA TYR C 105 10.99 17.74 -2.80
C TYR C 105 11.85 17.73 -4.05
N ARG C 106 11.45 18.39 -5.13
CA ARG C 106 12.28 18.40 -6.33
C ARG C 106 13.53 19.24 -6.11
N SER C 107 14.48 19.03 -7.01
CA SER C 107 15.67 19.86 -7.02
C SER C 107 15.28 21.32 -7.29
N ALA C 108 15.75 22.22 -6.43
CA ALA C 108 15.49 23.65 -6.57
C ALA C 108 16.64 24.38 -7.26
N GLU C 109 17.58 23.64 -7.83
CA GLU C 109 18.84 24.27 -8.21
C GLU C 109 18.67 25.32 -9.29
N ASN C 110 17.70 25.18 -10.20
CA ASN C 110 17.46 26.22 -11.18
C ASN C 110 17.04 27.53 -10.54
N LEU C 111 16.55 27.50 -9.29
CA LEU C 111 16.07 28.68 -8.62
C LEU C 111 17.05 29.27 -7.64
N TYR C 112 18.23 28.65 -7.42
CA TYR C 112 19.15 29.18 -6.43
C TYR C 112 19.56 30.62 -6.78
N PHE C 113 19.59 31.46 -5.73
CA PHE C 113 20.15 32.80 -5.79
C PHE C 113 19.31 33.75 -6.64
N GLN C 114 18.09 33.35 -6.99
CA GLN C 114 17.22 34.29 -7.72
C GLN C 114 16.66 35.40 -6.83
#